data_8HB0
#
_entry.id   8HB0
#
_cell.length_a   1.00
_cell.length_b   1.00
_cell.length_c   1.00
_cell.angle_alpha   90.00
_cell.angle_beta   90.00
_cell.angle_gamma   90.00
#
_symmetry.space_group_name_H-M   'P 1'
#
loop_
_entity.id
_entity.type
_entity.pdbx_description
1 polymer 'Sodium/glucose cotransporter 2'
2 polymer 'PDZK1-interacting protein 1'
3 non-polymer 2-acetamido-2-deoxy-beta-D-glucopyranose
4 non-polymer (2R,3R,4S,5S,6R)-2-[3-[(4-cyclopropylphenyl)methyl]-4-fluoranyl-indol-1-yl]-6-(hydroxymethyl)oxane-3,4,5-triol
5 non-polymer 'SODIUM ION'
6 water water
#
loop_
_entity_poly.entity_id
_entity_poly.type
_entity_poly.pdbx_seq_one_letter_code
_entity_poly.pdbx_strand_id
1 'polypeptide(L)'
;GPGSMEEHTEAGSAPEMGAQKALIDNPADILVIAAYFLLVIGVGLWSMCRTNRGTVGGYFLAGRSMVWWPVGASLFASNI
GSGHFVGLAGTGAASGLAVAGFEWNALFVVLLLGWLFAPVYLTAGVITMPQYLRKRFGGRRIRLYLSVLSLFLYIFTKIS
VDMFSGAVFIQQALGWNIYASVIALLGITMIYTVTGGLAALMYTDTVQTFVILGGACILMGYAFHEVGGYSGLFDKYLGA
ATSLTVSEDPAVGNISSFCYRPRPDSYHLLRHPVTGDLPWPALLLGLTIVSGWYWCSDQVIVQRCLAGKSLTHIKAGCIL
CGYLKLTPMFLMVMPGMISRILYPDEVACVVPEVCRRVCGTEVGCSNIAYPRLVVKLMPNGLRGLMLAVMLAALMSSLAS
IFNSSSTLFTMDIYTRLRPRAGDRELLLVGRLWVVFIVVVSVAWLPVVQAAQGGQLFDYIQAVSSYLAPPVSAVFVLALF
VPRVNEQGAFWGLIGGLLMGLARLIPEFSFGSGSCVQPSACPAFLCGVHYLYFAIVLFFCSGLLTLTVSLCTAPIPRKHL
HRLVFSLRHSKEEREDLDADEQQGSSLPVQNGCPESAMEMNEPQAPAPSLFRQCLLWFCGMSRGGVGSPPPLTQEEAAAA
ARRLEDISEDPSWARVVNLNALLMMAVAVFLWGFYA
;
A
2 'polypeptide(L)'
;MSALSLLILGLLTAVPPASCQQGLGNLQPWMQGLIAVAVFLVLVAIAFAVNHFWCQEEPEPAHMILTVGNKADGVLVGTD
GRYSSMAASFRSSEHENAYENVPEEEGKVRSTPM
;
B
#
# COMPACT_ATOMS: atom_id res chain seq x y z
N ASP A 25 -4.08 -2.95 31.84
CA ASP A 25 -4.33 -3.47 33.25
C ASP A 25 -5.52 -2.77 33.92
N ASN A 26 -5.85 -1.51 33.57
CA ASN A 26 -7.13 -0.84 33.96
C ASN A 26 -8.27 -1.56 33.24
N PRO A 27 -9.37 -1.99 33.92
CA PRO A 27 -10.43 -2.79 33.29
C PRO A 27 -11.02 -2.29 31.95
N ALA A 28 -11.12 -0.97 31.78
CA ALA A 28 -11.67 -0.28 30.59
C ALA A 28 -10.93 -0.68 29.31
N ASP A 29 -9.60 -0.83 29.35
CA ASP A 29 -8.80 -1.30 28.19
C ASP A 29 -9.20 -2.70 27.75
N ILE A 30 -9.36 -3.62 28.72
CA ILE A 30 -9.69 -5.05 28.46
C ILE A 30 -11.10 -5.11 27.89
N LEU A 31 -12.04 -4.35 28.45
CA LEU A 31 -13.43 -4.29 27.91
C LEU A 31 -13.42 -3.72 26.47
N VAL A 32 -12.63 -2.68 26.15
CA VAL A 32 -12.55 -2.08 24.76
C VAL A 32 -11.99 -3.12 23.80
N ILE A 33 -10.96 -3.87 24.18
CA ILE A 33 -10.36 -4.92 23.32
C ILE A 33 -11.37 -6.07 23.13
N ALA A 34 -12.05 -6.51 24.19
CA ALA A 34 -13.09 -7.56 24.11
C ALA A 34 -14.28 -7.06 23.27
N ALA A 35 -14.70 -5.79 23.43
CA ALA A 35 -15.77 -5.18 22.62
C ALA A 35 -15.39 -5.17 21.13
N TYR A 36 -14.13 -4.87 20.80
CA TYR A 36 -13.59 -4.88 19.41
C TYR A 36 -13.64 -6.31 18.86
N PHE A 37 -13.19 -7.29 19.65
CA PHE A 37 -13.19 -8.71 19.23
C PHE A 37 -14.63 -9.19 19.00
N LEU A 38 -15.55 -8.83 19.89
CA LEU A 38 -17.00 -9.16 19.76
C LEU A 38 -17.59 -8.55 18.48
N LEU A 39 -17.25 -7.31 18.13
CA LEU A 39 -17.67 -6.70 16.83
C LEU A 39 -17.18 -7.57 15.66
N VAL A 40 -15.90 -7.92 15.66
CA VAL A 40 -15.25 -8.63 14.51
C VAL A 40 -15.82 -10.05 14.39
N ILE A 41 -15.90 -10.80 15.49
CA ILE A 41 -16.59 -12.14 15.58
C ILE A 41 -18.03 -12.01 15.06
N GLY A 42 -18.77 -10.99 15.52
CA GLY A 42 -20.20 -10.81 15.19
C GLY A 42 -20.43 -10.60 13.71
N VAL A 43 -19.62 -9.77 13.07
CA VAL A 43 -19.72 -9.47 11.61
C VAL A 43 -19.22 -10.69 10.82
N GLY A 44 -18.18 -11.38 11.29
CA GLY A 44 -17.72 -12.66 10.70
C GLY A 44 -18.80 -13.73 10.70
N LEU A 45 -19.44 -13.99 11.84
CA LEU A 45 -20.58 -14.94 12.02
C LEU A 45 -21.76 -14.55 11.11
N TRP A 46 -22.05 -13.27 10.96
CA TRP A 46 -23.19 -12.80 10.13
C TRP A 46 -22.86 -13.05 8.66
N SER A 47 -21.63 -12.79 8.23
CA SER A 47 -21.17 -12.99 6.82
C SER A 47 -21.18 -14.48 6.47
N MET A 48 -20.70 -15.33 7.37
CA MET A 48 -20.69 -16.80 7.20
C MET A 48 -22.12 -17.35 7.11
N CYS A 49 -23.06 -16.87 7.95
CA CYS A 49 -24.51 -17.23 7.86
C CYS A 49 -25.12 -16.77 6.52
N ARG A 50 -24.68 -15.63 5.99
CA ARG A 50 -25.26 -14.98 4.78
C ARG A 50 -24.74 -15.69 3.52
N THR A 51 -23.43 -15.64 3.32
CA THR A 51 -22.74 -15.93 2.03
C THR A 51 -22.45 -17.43 1.89
N ASN A 52 -22.16 -17.87 0.66
CA ASN A 52 -21.80 -19.26 0.30
C ASN A 52 -20.27 -19.36 0.18
N ARG A 53 -19.64 -20.20 0.99
CA ARG A 53 -18.17 -20.44 1.05
C ARG A 53 -17.86 -21.87 0.58
N GLY A 54 -18.85 -22.60 0.04
CA GLY A 54 -18.70 -23.95 -0.49
C GLY A 54 -18.04 -23.98 -1.84
N THR A 55 -18.09 -22.87 -2.59
CA THR A 55 -17.58 -22.74 -3.99
C THR A 55 -16.39 -21.78 -4.04
N VAL A 56 -15.63 -21.90 -5.13
CA VAL A 56 -14.36 -21.14 -5.39
C VAL A 56 -14.75 -19.69 -5.59
N GLY A 57 -15.79 -19.42 -6.39
CA GLY A 57 -16.37 -18.08 -6.58
C GLY A 57 -16.68 -17.39 -5.26
N GLY A 58 -17.30 -18.10 -4.33
CA GLY A 58 -17.82 -17.50 -3.10
C GLY A 58 -16.68 -17.19 -2.16
N TYR A 59 -15.86 -18.19 -1.89
CA TYR A 59 -14.77 -18.09 -0.90
C TYR A 59 -13.64 -17.21 -1.42
N PHE A 60 -13.36 -17.18 -2.72
CA PHE A 60 -12.23 -16.37 -3.23
C PHE A 60 -12.71 -15.07 -3.85
N LEU A 61 -13.97 -14.90 -4.24
CA LEU A 61 -14.43 -13.66 -4.90
C LEU A 61 -15.70 -13.15 -4.26
N ALA A 62 -16.02 -13.56 -3.02
CA ALA A 62 -17.21 -13.03 -2.30
C ALA A 62 -18.52 -13.19 -3.09
N GLY A 63 -18.62 -14.12 -4.05
CA GLY A 63 -19.81 -14.28 -4.89
C GLY A 63 -19.95 -13.22 -5.96
N ARG A 64 -18.95 -12.35 -6.13
CA ARG A 64 -19.07 -11.10 -6.93
C ARG A 64 -20.35 -10.34 -6.55
N SER A 65 -20.54 -10.13 -5.25
CA SER A 65 -21.76 -9.61 -4.60
C SER A 65 -21.50 -8.41 -3.70
N MET A 66 -20.31 -7.83 -3.70
CA MET A 66 -19.88 -6.86 -2.68
C MET A 66 -20.22 -5.49 -3.21
N VAL A 67 -21.13 -4.80 -2.51
CA VAL A 67 -21.59 -3.45 -2.92
C VAL A 67 -20.52 -2.46 -2.48
N TRP A 68 -20.70 -1.18 -2.77
CA TRP A 68 -19.62 -0.19 -2.90
C TRP A 68 -18.92 -0.06 -1.53
N TRP A 69 -19.68 0.04 -0.44
CA TRP A 69 -19.12 0.42 0.89
C TRP A 69 -18.21 -0.70 1.44
N PRO A 70 -18.48 -2.02 1.39
CA PRO A 70 -17.45 -3.04 1.57
C PRO A 70 -16.24 -2.91 0.65
N VAL A 71 -16.41 -2.53 -0.61
CA VAL A 71 -15.27 -2.49 -1.58
C VAL A 71 -14.38 -1.34 -1.14
N GLY A 72 -14.93 -0.16 -0.96
CA GLY A 72 -14.17 0.99 -0.46
C GLY A 72 -13.52 0.73 0.88
N ALA A 73 -14.26 0.21 1.85
CA ALA A 73 -13.73 -0.05 3.22
C ALA A 73 -12.60 -1.08 3.17
N SER A 74 -12.71 -2.06 2.30
CA SER A 74 -11.77 -3.19 2.22
C SER A 74 -10.52 -2.73 1.47
N LEU A 75 -10.64 -1.88 0.46
CA LEU A 75 -9.47 -1.31 -0.30
C LEU A 75 -8.62 -0.54 0.70
N PHE A 76 -9.29 0.30 1.48
CA PHE A 76 -8.69 1.07 2.57
C PHE A 76 -8.04 0.20 3.64
N ALA A 77 -8.78 -0.73 4.19
CA ALA A 77 -8.35 -1.56 5.34
C ALA A 77 -7.29 -2.55 4.87
N SER A 78 -7.36 -3.10 3.66
CA SER A 78 -6.32 -4.00 3.14
C SER A 78 -5.00 -3.27 3.00
N ASN A 79 -5.04 -1.99 2.80
CA ASN A 79 -3.83 -1.19 2.58
C ASN A 79 -3.30 -0.70 3.94
N ILE A 80 -4.06 0.04 4.72
CA ILE A 80 -3.59 0.70 5.97
C ILE A 80 -3.30 -0.36 7.01
N GLY A 81 -2.05 -0.72 7.25
CA GLY A 81 -1.63 -1.57 8.37
C GLY A 81 -1.00 -0.79 9.51
N SER A 82 -0.30 -1.54 10.36
CA SER A 82 0.50 -1.05 11.50
C SER A 82 1.73 -0.30 10.96
N GLY A 83 2.24 -0.70 9.80
CA GLY A 83 3.22 0.06 9.00
C GLY A 83 2.85 1.50 8.73
N HIS A 84 1.58 1.81 8.52
CA HIS A 84 1.12 3.18 8.19
C HIS A 84 1.20 4.01 9.45
N PHE A 85 0.85 3.47 10.61
CA PHE A 85 0.95 4.22 11.89
C PHE A 85 2.42 4.39 12.23
N VAL A 86 3.19 3.33 12.21
CA VAL A 86 4.59 3.39 12.75
C VAL A 86 5.44 4.11 11.71
N GLY A 87 5.48 3.65 10.47
CA GLY A 87 6.24 4.26 9.38
C GLY A 87 5.88 5.72 9.06
N LEU A 88 4.60 6.09 8.91
CA LEU A 88 4.24 7.46 8.45
C LEU A 88 4.40 8.45 9.60
N ALA A 89 4.06 8.05 10.82
CA ALA A 89 4.34 8.90 12.00
C ALA A 89 5.84 9.03 12.17
N GLY A 90 6.56 7.94 12.01
CA GLY A 90 8.00 7.95 12.23
C GLY A 90 8.64 8.87 11.24
N THR A 91 8.31 8.71 9.98
CA THR A 91 8.95 9.48 8.88
C THR A 91 8.45 10.91 8.97
N GLY A 92 7.21 11.13 9.41
CA GLY A 92 6.66 12.44 9.79
C GLY A 92 7.54 13.12 10.80
N ALA A 93 7.85 12.41 11.87
CA ALA A 93 8.73 12.85 12.98
C ALA A 93 10.09 13.21 12.39
N ALA A 94 10.65 12.34 11.56
CA ALA A 94 12.06 12.40 11.14
C ALA A 94 12.22 13.49 10.06
N SER A 95 11.29 13.56 9.11
CA SER A 95 11.46 14.26 7.81
C SER A 95 10.32 15.20 7.44
N GLY A 96 9.30 15.38 8.27
CA GLY A 96 8.17 16.27 7.97
C GLY A 96 7.16 15.62 7.04
N LEU A 97 6.36 16.40 6.32
CA LEU A 97 5.08 15.91 5.75
C LEU A 97 5.13 15.45 4.27
N ALA A 98 6.27 15.17 3.60
CA ALA A 98 6.27 14.67 2.18
C ALA A 98 5.83 13.19 2.06
N VAL A 99 5.82 12.45 3.14
CA VAL A 99 5.58 11.00 3.19
C VAL A 99 4.07 10.79 2.99
N ALA A 100 3.26 11.82 3.27
CA ALA A 100 1.83 11.86 2.91
C ALA A 100 1.71 11.56 1.41
N GLY A 101 2.72 11.94 0.62
CA GLY A 101 2.88 11.59 -0.79
C GLY A 101 2.57 10.15 -1.11
N PHE A 102 3.08 9.21 -0.34
CA PHE A 102 2.78 7.75 -0.52
C PHE A 102 1.26 7.53 -0.57
N GLU A 103 0.56 8.02 0.44
CA GLU A 103 -0.93 7.88 0.61
C GLU A 103 -1.72 8.66 -0.45
N TRP A 104 -1.28 9.87 -0.72
CA TRP A 104 -2.02 10.86 -1.54
C TRP A 104 -1.85 10.46 -3.02
N ASN A 105 -0.72 9.85 -3.38
CA ASN A 105 -0.53 9.27 -4.74
C ASN A 105 -1.63 8.28 -5.01
N ALA A 106 -1.97 7.50 -3.96
CA ALA A 106 -3.01 6.44 -4.06
C ALA A 106 -4.27 7.08 -4.60
N LEU A 107 -4.57 8.31 -4.18
CA LEU A 107 -5.87 8.95 -4.51
C LEU A 107 -6.04 8.95 -6.03
N PHE A 108 -5.04 9.43 -6.74
CA PHE A 108 -5.09 9.46 -8.22
C PHE A 108 -5.18 8.02 -8.76
N VAL A 109 -4.32 7.11 -8.30
CA VAL A 109 -4.19 5.75 -8.91
C VAL A 109 -5.49 4.92 -8.73
N VAL A 110 -6.27 5.15 -7.67
CA VAL A 110 -7.53 4.37 -7.47
C VAL A 110 -8.50 4.72 -8.61
N LEU A 111 -8.49 5.94 -9.10
CA LEU A 111 -9.34 6.23 -10.27
C LEU A 111 -8.85 5.47 -11.52
N LEU A 112 -7.56 5.19 -11.72
CA LEU A 112 -7.11 4.27 -12.81
C LEU A 112 -7.63 2.85 -12.55
N LEU A 113 -7.75 2.38 -11.30
CA LEU A 113 -8.32 1.04 -11.03
C LEU A 113 -9.80 1.01 -11.44
N GLY A 114 -10.66 1.81 -10.83
CA GLY A 114 -12.09 1.80 -11.14
C GLY A 114 -12.46 2.10 -12.59
N TRP A 115 -11.73 2.93 -13.32
CA TRP A 115 -12.16 3.43 -14.67
C TRP A 115 -11.36 2.82 -15.80
N LEU A 116 -10.15 2.32 -15.59
CA LEU A 116 -9.31 1.75 -16.68
C LEU A 116 -9.09 0.26 -16.49
N PHE A 117 -8.57 -0.16 -15.34
CA PHE A 117 -8.12 -1.54 -15.07
C PHE A 117 -9.30 -2.42 -14.66
N ALA A 118 -10.09 -2.03 -13.68
CA ALA A 118 -11.24 -2.83 -13.19
C ALA A 118 -12.23 -3.22 -14.29
N PRO A 119 -12.70 -2.36 -15.22
CA PRO A 119 -13.56 -2.78 -16.34
C PRO A 119 -12.99 -3.94 -17.15
N VAL A 120 -11.70 -3.90 -17.46
CA VAL A 120 -11.08 -4.98 -18.29
C VAL A 120 -11.03 -6.29 -17.49
N TYR A 121 -10.72 -6.20 -16.21
CA TYR A 121 -10.65 -7.42 -15.37
C TYR A 121 -12.05 -8.02 -15.17
N LEU A 122 -13.12 -7.21 -15.08
CA LEU A 122 -14.52 -7.74 -15.09
C LEU A 122 -14.89 -8.39 -16.46
N THR A 123 -14.54 -7.82 -17.59
CA THR A 123 -14.88 -8.40 -18.90
C THR A 123 -13.97 -9.60 -19.23
N ALA A 124 -12.72 -9.66 -18.75
CA ALA A 124 -11.87 -10.88 -18.87
C ALA A 124 -12.40 -12.05 -18.04
N GLY A 125 -13.18 -11.81 -17.00
CA GLY A 125 -13.74 -12.89 -16.17
C GLY A 125 -12.70 -13.59 -15.32
N VAL A 126 -11.71 -12.86 -14.80
CA VAL A 126 -10.49 -13.43 -14.17
C VAL A 126 -10.71 -13.47 -12.66
N ILE A 127 -10.19 -14.49 -11.99
CA ILE A 127 -10.15 -14.57 -10.50
C ILE A 127 -8.79 -13.98 -10.04
N THR A 128 -7.72 -14.10 -10.82
CA THR A 128 -6.39 -13.56 -10.45
C THR A 128 -5.77 -12.73 -11.57
N MET A 129 -4.77 -11.94 -11.22
CA MET A 129 -4.09 -11.02 -12.14
C MET A 129 -3.08 -11.75 -13.01
N PRO A 130 -2.33 -12.77 -12.52
CA PRO A 130 -1.66 -13.71 -13.40
C PRO A 130 -2.54 -14.40 -14.44
N GLN A 131 -3.77 -14.76 -14.07
CA GLN A 131 -4.76 -15.35 -15.02
C GLN A 131 -5.10 -14.33 -16.09
N TYR A 132 -5.20 -13.05 -15.74
CA TYR A 132 -5.49 -12.01 -16.76
C TYR A 132 -4.39 -12.07 -17.82
N LEU A 133 -3.12 -12.13 -17.39
CA LEU A 133 -1.95 -12.19 -18.33
C LEU A 133 -1.96 -13.48 -19.15
N ARG A 134 -2.39 -14.62 -18.57
CA ARG A 134 -2.62 -15.91 -19.28
C ARG A 134 -3.61 -15.65 -20.42
N LYS A 135 -4.72 -14.98 -20.15
CA LYS A 135 -5.79 -14.76 -21.16
C LYS A 135 -5.31 -13.73 -22.19
N ARG A 136 -4.60 -12.70 -21.77
CA ARG A 136 -4.15 -11.59 -22.66
C ARG A 136 -3.04 -12.07 -23.61
N PHE A 137 -2.08 -12.89 -23.16
CA PHE A 137 -0.82 -13.21 -23.88
C PHE A 137 -0.66 -14.71 -24.22
N GLY A 138 -0.98 -15.61 -23.32
CA GLY A 138 -1.33 -16.97 -23.72
C GLY A 138 -0.33 -18.05 -23.43
N GLY A 139 0.86 -17.75 -22.93
CA GLY A 139 1.79 -18.82 -22.55
C GLY A 139 1.35 -19.51 -21.26
N ARG A 140 1.98 -20.62 -20.92
CA ARG A 140 1.98 -21.13 -19.52
C ARG A 140 2.81 -20.22 -18.59
N ARG A 141 3.85 -19.53 -19.06
CA ARG A 141 4.97 -19.06 -18.19
C ARG A 141 4.80 -17.65 -17.61
N ILE A 142 4.10 -16.71 -18.25
CA ILE A 142 3.89 -15.34 -17.70
C ILE A 142 3.05 -15.48 -16.42
N ARG A 143 2.02 -16.32 -16.43
CA ARG A 143 1.14 -16.59 -15.26
C ARG A 143 1.95 -17.15 -14.11
N LEU A 144 2.79 -18.14 -14.37
CA LEU A 144 3.57 -18.80 -13.30
C LEU A 144 4.58 -17.82 -12.75
N TYR A 145 5.36 -17.18 -13.63
CA TYR A 145 6.32 -16.12 -13.28
C TYR A 145 5.66 -15.11 -12.31
N LEU A 146 4.50 -14.57 -12.69
CA LEU A 146 3.91 -13.41 -11.99
C LEU A 146 3.37 -13.84 -10.64
N SER A 147 2.76 -15.02 -10.56
CA SER A 147 2.29 -15.63 -9.30
C SER A 147 3.44 -15.74 -8.32
N VAL A 148 4.56 -16.29 -8.76
CA VAL A 148 5.71 -16.56 -7.86
C VAL A 148 6.33 -15.22 -7.43
N LEU A 149 6.50 -14.29 -8.37
CA LEU A 149 7.01 -12.91 -8.07
C LEU A 149 6.08 -12.20 -7.11
N SER A 150 4.76 -12.32 -7.28
CA SER A 150 3.74 -11.70 -6.36
C SER A 150 3.90 -12.26 -4.94
N LEU A 151 4.08 -13.56 -4.80
CA LEU A 151 4.19 -14.25 -3.48
C LEU A 151 5.45 -13.73 -2.76
N PHE A 152 6.57 -13.60 -3.45
CA PHE A 152 7.79 -13.02 -2.84
C PHE A 152 7.54 -11.57 -2.44
N LEU A 153 6.93 -10.77 -3.30
CA LEU A 153 6.66 -9.34 -3.00
C LEU A 153 5.78 -9.21 -1.76
N TYR A 154 4.88 -10.13 -1.48
CA TYR A 154 4.00 -10.09 -0.28
C TYR A 154 4.77 -10.49 0.97
N ILE A 155 5.70 -11.43 0.88
CA ILE A 155 6.63 -11.77 2.00
C ILE A 155 7.49 -10.53 2.28
N PHE A 156 8.06 -9.89 1.26
CA PHE A 156 9.06 -8.81 1.42
C PHE A 156 8.39 -7.45 1.69
N THR A 157 7.34 -7.05 1.01
CA THR A 157 6.87 -5.63 1.06
C THR A 157 5.57 -5.46 1.84
N LYS A 158 4.93 -6.55 2.29
CA LYS A 158 3.58 -6.49 2.90
C LYS A 158 3.57 -7.17 4.26
N ILE A 159 4.09 -8.39 4.37
CA ILE A 159 3.96 -9.15 5.64
C ILE A 159 5.01 -8.59 6.60
N SER A 160 6.22 -8.39 6.09
CA SER A 160 7.40 -7.79 6.78
C SER A 160 7.03 -6.50 7.51
N VAL A 161 6.43 -5.52 6.81
CA VAL A 161 6.05 -4.21 7.40
C VAL A 161 5.03 -4.43 8.55
N ASP A 162 4.11 -5.38 8.41
CA ASP A 162 3.01 -5.59 9.39
C ASP A 162 3.57 -6.22 10.66
N MET A 163 4.41 -7.24 10.52
CA MET A 163 5.11 -7.93 11.64
C MET A 163 6.00 -6.94 12.39
N PHE A 164 6.83 -6.22 11.64
CA PHE A 164 7.82 -5.27 12.18
C PHE A 164 7.14 -4.16 12.97
N SER A 165 6.17 -3.50 12.36
CA SER A 165 5.51 -2.29 12.93
C SER A 165 4.62 -2.72 14.08
N GLY A 166 3.95 -3.86 13.98
CA GLY A 166 3.29 -4.53 15.12
C GLY A 166 4.24 -4.72 16.29
N ALA A 167 5.43 -5.25 16.03
CA ALA A 167 6.43 -5.58 17.08
C ALA A 167 6.95 -4.28 17.70
N VAL A 168 7.19 -3.20 16.92
CA VAL A 168 7.59 -1.85 17.43
C VAL A 168 6.53 -1.41 18.45
N PHE A 169 5.28 -1.41 18.01
CA PHE A 169 4.12 -0.91 18.76
C PHE A 169 4.01 -1.71 20.07
N ILE A 170 4.14 -3.03 20.04
CA ILE A 170 4.09 -3.91 21.26
C ILE A 170 5.27 -3.58 22.18
N GLN A 171 6.51 -3.50 21.66
CA GLN A 171 7.73 -3.19 22.46
C GLN A 171 7.56 -1.89 23.26
N GLN A 172 6.91 -0.89 22.67
CA GLN A 172 6.89 0.50 23.18
C GLN A 172 5.63 0.68 24.04
N ALA A 173 4.45 0.42 23.50
CA ALA A 173 3.16 0.60 24.20
C ALA A 173 2.95 -0.49 25.28
N LEU A 174 3.14 -1.79 24.97
CA LEU A 174 2.78 -2.93 25.88
C LEU A 174 4.00 -3.38 26.70
N GLY A 175 5.10 -3.68 26.03
CA GLY A 175 6.35 -4.20 26.62
C GLY A 175 6.39 -5.72 26.68
N TRP A 176 5.47 -6.40 26.01
CA TRP A 176 5.37 -7.88 25.90
C TRP A 176 6.48 -8.42 24.99
N ASN A 177 6.69 -9.74 25.01
CA ASN A 177 7.71 -10.43 24.16
C ASN A 177 7.38 -10.22 22.66
N ILE A 178 8.29 -9.65 21.88
CA ILE A 178 8.02 -9.26 20.45
C ILE A 178 8.11 -10.49 19.53
N TYR A 179 8.45 -11.70 20.03
CA TYR A 179 8.32 -12.98 19.28
C TYR A 179 6.93 -13.56 19.53
N ALA A 180 6.60 -13.89 20.77
CA ALA A 180 5.37 -14.59 21.19
C ALA A 180 4.14 -13.81 20.79
N SER A 181 4.19 -12.49 20.94
CA SER A 181 3.07 -11.58 20.59
C SER A 181 2.81 -11.62 19.08
N VAL A 182 3.86 -11.61 18.26
CA VAL A 182 3.75 -11.72 16.78
C VAL A 182 3.24 -13.12 16.43
N ILE A 183 3.68 -14.19 17.08
CA ILE A 183 3.17 -15.57 16.80
C ILE A 183 1.66 -15.58 17.10
N ALA A 184 1.26 -15.03 18.25
CA ALA A 184 -0.16 -14.92 18.65
C ALA A 184 -0.95 -14.09 17.63
N LEU A 185 -0.42 -12.94 17.20
CA LEU A 185 -1.10 -12.05 16.21
C LEU A 185 -1.29 -12.77 14.87
N LEU A 186 -0.22 -13.43 14.42
CA LEU A 186 -0.17 -14.21 13.14
C LEU A 186 -1.14 -15.40 13.21
N GLY A 187 -1.23 -16.07 14.37
CA GLY A 187 -2.15 -17.18 14.66
C GLY A 187 -3.61 -16.78 14.73
N ILE A 188 -3.96 -15.66 15.36
CA ILE A 188 -5.39 -15.20 15.40
C ILE A 188 -5.81 -14.79 13.99
N THR A 189 -4.91 -14.15 13.21
CA THR A 189 -5.26 -13.62 11.88
C THR A 189 -5.39 -14.83 10.94
N MET A 190 -4.64 -15.91 11.16
CA MET A 190 -4.75 -17.21 10.44
C MET A 190 -6.20 -17.69 10.50
N ILE A 191 -6.75 -17.79 11.70
CA ILE A 191 -8.12 -18.28 11.98
C ILE A 191 -9.13 -17.34 11.30
N TYR A 192 -9.00 -16.05 11.54
CA TYR A 192 -9.88 -14.98 10.98
C TYR A 192 -9.91 -15.07 9.43
N THR A 193 -8.77 -15.37 8.80
CA THR A 193 -8.59 -15.51 7.33
C THR A 193 -9.22 -16.81 6.81
N VAL A 194 -8.77 -17.97 7.28
CA VAL A 194 -9.25 -19.30 6.80
C VAL A 194 -10.75 -19.51 7.08
N THR A 195 -11.32 -18.94 8.13
CA THR A 195 -12.67 -19.34 8.63
C THR A 195 -13.71 -18.88 7.62
N GLY A 196 -13.64 -17.62 7.18
CA GLY A 196 -14.56 -17.03 6.19
C GLY A 196 -13.89 -16.80 4.86
N GLY A 197 -14.65 -16.48 3.82
CA GLY A 197 -14.06 -16.26 2.48
C GLY A 197 -13.71 -14.81 2.26
N LEU A 198 -13.97 -14.29 1.07
CA LEU A 198 -13.69 -12.86 0.76
C LEU A 198 -14.86 -12.01 1.25
N ALA A 199 -16.01 -12.64 1.51
CA ALA A 199 -17.21 -11.91 2.00
C ALA A 199 -17.05 -11.62 3.50
N ALA A 200 -16.36 -12.47 4.24
CA ALA A 200 -16.19 -12.20 5.68
C ALA A 200 -15.14 -11.10 5.93
N LEU A 201 -14.03 -11.14 5.23
CA LEU A 201 -13.00 -10.10 5.43
C LEU A 201 -13.52 -8.72 5.00
N MET A 202 -14.30 -8.60 3.94
CA MET A 202 -14.71 -7.27 3.42
C MET A 202 -15.78 -6.68 4.31
N TYR A 203 -16.71 -7.46 4.83
CA TYR A 203 -17.67 -6.96 5.84
C TYR A 203 -16.93 -6.59 7.15
N THR A 204 -16.02 -7.44 7.60
CA THR A 204 -15.18 -7.17 8.79
C THR A 204 -14.31 -5.93 8.57
N ASP A 205 -13.80 -5.70 7.35
CA ASP A 205 -13.03 -4.49 6.94
C ASP A 205 -13.89 -3.23 7.03
N THR A 206 -15.22 -3.28 6.93
CA THR A 206 -16.09 -2.09 7.18
C THR A 206 -16.04 -1.70 8.65
N VAL A 207 -15.99 -2.66 9.56
CA VAL A 207 -15.91 -2.39 11.01
C VAL A 207 -14.49 -1.95 11.32
N GLN A 208 -13.51 -2.65 10.80
CA GLN A 208 -12.07 -2.33 11.00
C GLN A 208 -11.76 -0.92 10.48
N THR A 209 -12.33 -0.50 9.35
CA THR A 209 -12.11 0.87 8.81
C THR A 209 -12.71 1.90 9.78
N PHE A 210 -13.87 1.62 10.35
CA PHE A 210 -14.54 2.51 11.33
C PHE A 210 -13.66 2.66 12.58
N VAL A 211 -13.16 1.56 13.12
CA VAL A 211 -12.29 1.53 14.34
C VAL A 211 -11.00 2.28 14.02
N ILE A 212 -10.38 2.00 12.87
CA ILE A 212 -9.07 2.59 12.49
C ILE A 212 -9.25 4.09 12.47
N LEU A 213 -10.21 4.58 11.70
CA LEU A 213 -10.47 6.04 11.55
C LEU A 213 -10.92 6.65 12.87
N GLY A 214 -11.85 6.00 13.60
CA GLY A 214 -12.41 6.51 14.86
C GLY A 214 -11.36 6.73 15.92
N GLY A 215 -10.61 5.69 16.26
CA GLY A 215 -9.55 5.76 17.27
C GLY A 215 -8.36 6.61 16.79
N ALA A 216 -8.03 6.55 15.52
CA ALA A 216 -6.94 7.37 14.95
C ALA A 216 -7.32 8.85 15.01
N CYS A 217 -8.59 9.23 14.76
CA CYS A 217 -9.07 10.63 14.94
C CYS A 217 -8.97 11.04 16.42
N ILE A 218 -9.30 10.15 17.35
CA ILE A 218 -9.27 10.48 18.79
C ILE A 218 -7.80 10.76 19.16
N LEU A 219 -6.84 9.92 18.75
CA LEU A 219 -5.39 10.18 19.03
C LEU A 219 -4.93 11.49 18.37
N MET A 220 -5.29 11.72 17.11
CA MET A 220 -5.01 12.99 16.41
C MET A 220 -5.47 14.16 17.30
N GLY A 221 -6.64 14.07 17.92
CA GLY A 221 -7.22 15.15 18.74
C GLY A 221 -6.43 15.42 19.99
N TYR A 222 -6.04 14.38 20.70
CA TYR A 222 -5.21 14.45 21.92
C TYR A 222 -3.85 15.04 21.55
N ALA A 223 -3.26 14.61 20.42
CA ALA A 223 -1.94 15.09 19.94
C ALA A 223 -2.03 16.58 19.66
N PHE A 224 -3.00 17.00 18.88
CA PHE A 224 -3.17 18.42 18.47
C PHE A 224 -3.52 19.33 19.64
N HIS A 225 -4.20 18.79 20.65
CA HIS A 225 -4.45 19.53 21.90
C HIS A 225 -3.12 19.81 22.61
N GLU A 226 -2.21 18.84 22.58
CA GLU A 226 -0.97 18.89 23.39
C GLU A 226 -0.01 19.92 22.77
N VAL A 227 0.13 20.02 21.44
CA VAL A 227 0.95 21.10 20.80
C VAL A 227 0.20 22.43 20.77
N GLY A 228 -1.09 22.49 21.06
CA GLY A 228 -1.88 23.75 21.11
C GLY A 228 -2.47 24.12 19.76
N GLY A 229 -3.00 23.12 19.06
CA GLY A 229 -3.76 23.25 17.81
C GLY A 229 -2.91 23.01 16.60
N TYR A 230 -3.47 23.30 15.45
CA TYR A 230 -2.81 23.21 14.13
C TYR A 230 -1.79 24.32 13.99
N SER A 231 -2.05 25.54 14.46
CA SER A 231 -1.03 26.63 14.48
C SER A 231 0.20 26.14 15.25
N GLY A 232 -0.01 25.47 16.39
CA GLY A 232 1.01 24.89 17.28
C GLY A 232 1.99 23.97 16.59
N LEU A 233 1.52 23.12 15.68
CA LEU A 233 2.36 22.13 14.96
C LEU A 233 3.32 22.88 14.08
N PHE A 234 2.81 23.83 13.31
CA PHE A 234 3.54 24.57 12.24
C PHE A 234 4.38 25.71 12.78
N ASP A 235 4.33 26.06 14.07
CA ASP A 235 5.28 27.05 14.66
C ASP A 235 6.29 26.38 15.61
N LYS A 236 6.12 25.11 15.96
CA LYS A 236 7.00 24.39 16.93
C LYS A 236 7.81 23.28 16.29
N TYR A 237 7.51 22.86 15.06
CA TYR A 237 8.15 21.65 14.51
C TYR A 237 9.57 21.96 14.06
N LEU A 238 9.83 23.07 13.37
CA LEU A 238 11.20 23.40 12.88
C LEU A 238 12.18 23.71 14.02
N GLY A 239 11.68 24.16 15.17
CA GLY A 239 12.47 24.27 16.42
C GLY A 239 12.75 22.95 17.12
N ALA A 240 12.07 21.83 16.80
CA ALA A 240 12.04 20.60 17.64
C ALA A 240 13.30 19.74 17.42
N ALA A 241 14.46 20.20 17.88
CA ALA A 241 15.74 19.44 17.87
C ALA A 241 16.00 18.91 19.28
N THR A 242 16.68 17.76 19.35
CA THR A 242 17.27 17.20 20.60
C THR A 242 18.40 18.10 21.09
N SER A 243 18.61 18.13 22.40
CA SER A 243 19.69 18.87 23.08
C SER A 243 20.97 18.03 23.23
N LEU A 244 20.95 16.72 22.94
CA LEU A 244 22.07 15.78 23.11
C LEU A 244 22.59 15.44 21.72
N THR A 245 23.60 16.18 21.25
CA THR A 245 24.19 16.08 19.89
C THR A 245 25.68 15.78 19.98
N VAL A 246 26.19 15.31 21.13
CA VAL A 246 27.63 15.00 21.34
C VAL A 246 27.70 13.56 21.79
N SER A 247 28.37 12.73 21.00
CA SER A 247 28.63 11.29 21.27
C SER A 247 29.83 11.16 22.21
N GLU A 248 29.80 10.13 23.06
CA GLU A 248 30.95 9.68 23.90
C GLU A 248 31.97 8.92 23.05
N ASP A 249 31.59 8.41 21.86
CA ASP A 249 32.45 7.61 20.94
C ASP A 249 33.33 8.53 20.09
N PRO A 250 34.68 8.42 20.10
CA PRO A 250 35.52 9.04 19.06
C PRO A 250 35.25 8.50 17.65
N ALA A 251 35.56 9.33 16.64
CA ALA A 251 35.20 9.15 15.21
C ALA A 251 33.67 9.09 14.99
N VAL A 252 32.89 9.73 15.87
CA VAL A 252 31.47 10.18 15.68
C VAL A 252 31.42 11.66 16.09
N GLY A 253 31.79 11.97 17.33
CA GLY A 253 32.14 13.32 17.81
C GLY A 253 30.91 14.18 17.94
N ASN A 254 31.04 15.47 17.64
CA ASN A 254 29.89 16.41 17.52
C ASN A 254 29.10 16.00 16.28
N ILE A 255 27.84 15.63 16.48
CA ILE A 255 26.89 15.25 15.39
C ILE A 255 26.65 16.49 14.55
N SER A 256 26.61 16.31 13.22
CA SER A 256 26.36 17.38 12.21
C SER A 256 25.03 18.08 12.51
N SER A 257 24.97 19.40 12.36
CA SER A 257 23.73 20.23 12.45
C SER A 257 22.73 19.86 11.36
N PHE A 258 23.18 19.26 10.25
CA PHE A 258 22.31 18.78 9.16
C PHE A 258 21.36 17.70 9.67
N CYS A 259 21.78 16.79 10.54
CA CYS A 259 20.91 15.63 10.88
C CYS A 259 19.99 15.87 12.09
N TYR A 260 20.46 16.49 13.16
CA TYR A 260 19.59 16.63 14.35
C TYR A 260 18.56 17.73 14.18
N ARG A 261 18.84 18.80 13.45
CA ARG A 261 17.87 19.87 13.15
C ARG A 261 16.81 19.30 12.22
N PRO A 262 15.52 19.69 12.33
CA PRO A 262 14.53 19.31 11.33
C PRO A 262 14.86 19.93 9.96
N ARG A 263 14.43 19.25 8.91
CA ARG A 263 14.70 19.69 7.53
C ARG A 263 13.97 21.00 7.33
N PRO A 264 14.59 22.03 6.74
CA PRO A 264 13.88 23.29 6.53
C PRO A 264 12.79 23.20 5.45
N ASP A 265 12.71 22.14 4.62
CA ASP A 265 11.55 21.86 3.72
C ASP A 265 10.57 20.90 4.37
N SER A 266 10.46 20.87 5.70
CA SER A 266 9.63 19.89 6.47
C SER A 266 8.16 20.09 6.21
N TYR A 267 7.70 21.30 5.94
CA TYR A 267 6.25 21.58 5.75
C TYR A 267 5.82 21.46 4.28
N HIS A 268 6.66 20.95 3.40
CA HIS A 268 6.44 20.95 1.93
C HIS A 268 6.39 19.52 1.41
N LEU A 269 5.31 19.12 0.75
CA LEU A 269 5.23 17.90 -0.08
C LEU A 269 6.29 17.93 -1.19
N LEU A 270 6.37 19.04 -1.90
CA LEU A 270 7.16 19.13 -3.15
C LEU A 270 8.53 19.70 -2.77
N ARG A 271 9.49 18.80 -2.65
CA ARG A 271 10.88 18.96 -2.20
C ARG A 271 11.79 18.88 -3.40
N HIS A 272 13.04 19.25 -3.22
CA HIS A 272 13.94 19.69 -4.30
C HIS A 272 14.21 18.50 -5.20
N PRO A 273 14.16 18.64 -6.54
CA PRO A 273 14.34 17.49 -7.42
C PRO A 273 15.71 16.81 -7.39
N VAL A 274 16.81 17.40 -6.87
CA VAL A 274 18.11 16.66 -6.69
C VAL A 274 18.46 16.42 -5.21
N THR A 275 18.21 17.37 -4.30
CA THR A 275 18.64 17.33 -2.88
C THR A 275 17.50 17.02 -1.90
N GLY A 276 16.24 16.98 -2.34
CA GLY A 276 15.09 16.56 -1.52
C GLY A 276 15.19 15.11 -1.14
N ASP A 277 14.67 14.75 0.03
CA ASP A 277 14.70 13.35 0.53
C ASP A 277 13.67 12.51 -0.24
N LEU A 278 12.57 13.14 -0.63
CA LEU A 278 11.53 12.64 -1.57
C LEU A 278 11.41 13.68 -2.66
N PRO A 279 12.25 13.66 -3.73
CA PRO A 279 12.21 14.65 -4.80
C PRO A 279 10.82 14.67 -5.44
N TRP A 280 10.34 15.84 -5.83
CA TRP A 280 8.94 16.01 -6.27
C TRP A 280 8.69 15.25 -7.58
N PRO A 281 9.61 15.20 -8.58
CA PRO A 281 9.38 14.42 -9.80
C PRO A 281 9.34 12.92 -9.53
N ALA A 282 10.19 12.47 -8.63
CA ALA A 282 10.17 11.10 -8.07
C ALA A 282 8.83 10.86 -7.34
N LEU A 283 8.36 11.78 -6.49
CA LEU A 283 7.04 11.59 -5.78
C LEU A 283 5.96 11.39 -6.84
N LEU A 284 5.83 12.28 -7.80
CA LEU A 284 4.64 12.31 -8.69
C LEU A 284 4.76 11.17 -9.73
N LEU A 285 5.76 11.17 -10.61
CA LEU A 285 5.90 10.07 -11.63
C LEU A 285 6.19 8.72 -10.95
N GLY A 286 7.22 8.69 -10.13
CA GLY A 286 7.81 7.43 -9.67
C GLY A 286 6.89 6.71 -8.72
N LEU A 287 6.18 7.45 -7.84
CA LEU A 287 5.14 6.81 -7.01
C LEU A 287 3.95 6.41 -7.86
N THR A 288 3.58 7.14 -8.88
CA THR A 288 2.43 6.72 -9.73
C THR A 288 2.75 5.34 -10.31
N ILE A 289 4.00 5.10 -10.72
CA ILE A 289 4.41 3.80 -11.30
C ILE A 289 4.30 2.70 -10.23
N VAL A 290 4.82 2.93 -9.04
CA VAL A 290 4.85 1.90 -7.96
C VAL A 290 3.40 1.72 -7.43
N SER A 291 2.66 2.80 -7.21
CA SER A 291 1.22 2.76 -6.89
C SER A 291 0.43 2.08 -8.00
N GLY A 292 0.83 2.27 -9.26
CA GLY A 292 0.28 1.54 -10.43
C GLY A 292 0.17 0.06 -10.15
N TRP A 293 1.30 -0.54 -9.82
CA TRP A 293 1.38 -1.97 -9.50
C TRP A 293 0.51 -2.28 -8.26
N TYR A 294 0.70 -1.54 -7.19
CA TYR A 294 0.10 -1.79 -5.87
C TYR A 294 -1.43 -1.79 -5.94
N TRP A 295 -2.03 -0.83 -6.65
CA TRP A 295 -3.48 -0.61 -6.72
C TRP A 295 -4.11 -1.22 -7.97
N CYS A 296 -3.43 -1.18 -9.13
CA CYS A 296 -4.04 -1.57 -10.42
C CYS A 296 -3.65 -2.96 -10.87
N SER A 297 -2.53 -3.53 -10.45
CA SER A 297 -1.97 -4.78 -11.03
C SER A 297 -1.85 -5.90 -10.01
N ASP A 298 -2.18 -5.69 -8.76
CA ASP A 298 -1.70 -6.59 -7.69
C ASP A 298 -2.93 -7.25 -7.05
N GLN A 299 -2.89 -8.58 -6.92
CA GLN A 299 -3.95 -9.44 -6.37
C GLN A 299 -4.53 -8.92 -5.07
N VAL A 300 -3.71 -8.43 -4.14
CA VAL A 300 -4.26 -7.97 -2.83
C VAL A 300 -5.36 -6.90 -3.01
N ILE A 301 -5.12 -5.83 -3.75
CA ILE A 301 -6.11 -4.72 -3.90
C ILE A 301 -7.16 -5.17 -4.90
N VAL A 302 -6.74 -5.75 -6.02
CA VAL A 302 -7.63 -5.97 -7.19
C VAL A 302 -8.68 -7.04 -6.82
N GLN A 303 -8.41 -8.03 -5.95
CA GLN A 303 -9.46 -9.00 -5.49
C GLN A 303 -10.69 -8.34 -4.91
N ARG A 304 -10.55 -7.17 -4.32
CA ARG A 304 -11.65 -6.39 -3.74
C ARG A 304 -12.55 -5.89 -4.87
N CYS A 305 -11.96 -5.56 -6.01
CA CYS A 305 -12.65 -5.04 -7.21
C CYS A 305 -13.14 -6.15 -8.11
N LEU A 306 -12.68 -7.37 -7.90
CA LEU A 306 -13.11 -8.53 -8.67
C LEU A 306 -14.26 -9.15 -7.93
N ALA A 307 -14.54 -8.61 -6.76
CA ALA A 307 -15.65 -9.11 -5.92
C ALA A 307 -16.77 -8.07 -5.92
N GLY A 308 -16.65 -6.97 -6.66
CA GLY A 308 -17.77 -6.03 -6.58
C GLY A 308 -18.97 -6.56 -7.31
N LYS A 309 -20.17 -6.21 -6.91
CA LYS A 309 -21.39 -6.69 -7.61
C LYS A 309 -21.50 -6.15 -9.03
N SER A 310 -20.83 -5.05 -9.36
CA SER A 310 -20.88 -4.46 -10.74
C SER A 310 -19.83 -3.35 -10.87
N LEU A 311 -19.64 -2.76 -12.05
CA LEU A 311 -18.61 -1.68 -12.17
C LEU A 311 -19.01 -0.40 -11.44
N THR A 312 -20.29 -0.01 -11.42
CA THR A 312 -20.66 1.25 -10.69
C THR A 312 -20.22 1.05 -9.24
N HIS A 313 -20.51 -0.09 -8.64
CA HIS A 313 -20.11 -0.37 -7.23
C HIS A 313 -18.59 -0.32 -7.04
N ILE A 314 -17.81 -0.90 -7.93
CA ILE A 314 -16.32 -0.83 -7.83
C ILE A 314 -15.91 0.63 -7.86
N LYS A 315 -16.51 1.42 -8.75
CA LYS A 315 -16.13 2.83 -9.00
C LYS A 315 -16.46 3.64 -7.76
N ALA A 316 -17.68 3.53 -7.26
CA ALA A 316 -18.12 4.10 -5.97
C ALA A 316 -17.22 3.68 -4.81
N GLY A 317 -16.75 2.44 -4.76
CA GLY A 317 -15.82 1.96 -3.74
C GLY A 317 -14.48 2.64 -3.86
N CYS A 318 -13.96 2.72 -5.08
CA CYS A 318 -12.75 3.49 -5.44
C CYS A 318 -12.89 4.97 -5.04
N ILE A 319 -14.07 5.60 -5.04
CA ILE A 319 -14.22 7.00 -4.55
C ILE A 319 -14.05 7.04 -3.03
N LEU A 320 -14.74 6.19 -2.29
CA LEU A 320 -14.66 6.12 -0.81
C LEU A 320 -13.22 5.91 -0.39
N CYS A 321 -12.54 4.94 -1.02
CA CYS A 321 -11.18 4.55 -0.65
C CYS A 321 -10.26 5.77 -0.82
N GLY A 322 -10.42 6.52 -1.93
CA GLY A 322 -9.70 7.77 -2.18
C GLY A 322 -9.87 8.81 -1.05
N TYR A 323 -11.08 9.11 -0.65
CA TYR A 323 -11.30 10.06 0.45
C TYR A 323 -10.64 9.52 1.73
N LEU A 324 -10.77 8.24 2.02
CA LEU A 324 -10.05 7.65 3.18
C LEU A 324 -8.51 7.71 3.01
N LYS A 325 -8.01 7.79 1.77
CA LYS A 325 -6.55 7.80 1.53
C LYS A 325 -5.99 9.19 1.68
N LEU A 326 -6.82 10.21 1.80
CA LEU A 326 -6.42 11.52 2.33
C LEU A 326 -6.11 11.45 3.83
N THR A 327 -6.95 10.80 4.61
CA THR A 327 -6.91 10.86 6.11
C THR A 327 -5.51 10.61 6.69
N PRO A 328 -4.63 9.73 6.15
CA PRO A 328 -3.33 9.43 6.76
C PRO A 328 -2.40 10.63 7.03
N MET A 329 -2.30 11.68 6.22
CA MET A 329 -1.59 12.96 6.62
C MET A 329 -2.04 13.36 8.04
N PHE A 330 -3.31 13.67 8.18
CA PHE A 330 -3.91 14.26 9.40
C PHE A 330 -3.88 13.24 10.51
N LEU A 331 -3.87 11.96 10.21
CA LEU A 331 -4.03 10.96 11.30
C LEU A 331 -2.72 10.30 11.67
N MET A 332 -1.68 10.39 10.85
CA MET A 332 -0.44 9.60 11.09
C MET A 332 0.76 10.51 10.94
N VAL A 333 0.87 11.20 9.81
CA VAL A 333 2.05 12.01 9.48
C VAL A 333 2.13 13.18 10.46
N MET A 334 1.06 13.95 10.65
CA MET A 334 1.08 15.15 11.55
C MET A 334 1.17 14.74 13.01
N PRO A 335 0.46 13.70 13.49
CA PRO A 335 0.74 13.17 14.83
C PRO A 335 2.20 12.77 15.04
N GLY A 336 2.86 12.15 14.06
CA GLY A 336 4.30 11.86 14.20
C GLY A 336 5.15 13.12 14.31
N MET A 337 4.77 14.18 13.62
CA MET A 337 5.46 15.49 13.72
C MET A 337 5.23 16.09 15.13
N ILE A 338 4.02 15.98 15.67
CA ILE A 338 3.71 16.41 17.06
C ILE A 338 4.54 15.58 18.06
N SER A 339 4.84 14.32 17.77
CA SER A 339 5.63 13.48 18.70
C SER A 339 7.06 14.04 18.80
N ARG A 340 7.67 14.40 17.67
CA ARG A 340 8.98 15.12 17.64
C ARG A 340 8.91 16.42 18.47
N ILE A 341 7.81 17.17 18.34
CA ILE A 341 7.64 18.47 19.06
C ILE A 341 7.60 18.19 20.56
N LEU A 342 6.86 17.17 21.00
CA LEU A 342 6.59 16.88 22.43
C LEU A 342 7.75 16.10 23.10
N TYR A 343 8.35 15.11 22.41
CA TYR A 343 9.39 14.19 22.96
C TYR A 343 10.62 14.28 22.05
N PRO A 344 11.27 15.46 21.94
CA PRO A 344 12.36 15.65 20.98
C PRO A 344 13.64 14.88 21.34
N ASP A 345 13.94 14.75 22.62
CA ASP A 345 15.14 14.03 23.11
C ASP A 345 14.95 12.52 22.96
N GLU A 346 13.72 12.02 22.75
CA GLU A 346 13.42 10.56 22.61
C GLU A 346 13.09 10.24 21.16
N VAL A 347 12.23 11.00 20.50
CA VAL A 347 11.83 10.73 19.09
C VAL A 347 12.92 11.28 18.13
N ALA A 348 13.57 12.39 18.43
CA ALA A 348 14.56 13.00 17.51
C ALA A 348 15.99 12.83 18.06
N CYS A 349 16.28 11.73 18.75
CA CYS A 349 17.65 11.49 19.27
C CYS A 349 18.60 11.12 18.13
N VAL A 350 19.83 11.64 18.16
CA VAL A 350 20.88 11.36 17.12
C VAL A 350 22.05 10.61 17.72
N VAL A 351 22.33 10.73 19.01
CA VAL A 351 23.48 10.02 19.65
C VAL A 351 23.16 8.52 19.74
N PRO A 352 24.02 7.67 19.18
CA PRO A 352 23.86 6.21 19.20
C PRO A 352 23.65 5.71 20.64
N GLU A 353 24.41 6.22 21.60
CA GLU A 353 24.28 5.79 23.02
C GLU A 353 22.86 6.10 23.52
N VAL A 354 22.37 7.30 23.21
CA VAL A 354 21.05 7.83 23.64
C VAL A 354 19.95 7.06 22.91
N CYS A 355 20.06 6.85 21.60
CA CYS A 355 19.11 6.04 20.79
C CYS A 355 19.11 4.57 21.19
N ARG A 356 20.24 4.00 21.63
CA ARG A 356 20.27 2.60 22.14
C ARG A 356 19.58 2.57 23.51
N ARG A 357 19.70 3.63 24.32
CA ARG A 357 19.03 3.72 25.64
C ARG A 357 17.51 3.95 25.47
N VAL A 358 17.10 4.71 24.46
CA VAL A 358 15.69 5.14 24.25
C VAL A 358 14.87 3.98 23.70
N CYS A 359 15.22 3.35 22.58
CA CYS A 359 14.33 2.28 22.04
C CYS A 359 15.09 1.00 21.69
N GLY A 360 16.40 0.97 21.85
CA GLY A 360 17.21 -0.23 21.54
C GLY A 360 17.89 -0.18 20.17
N THR A 361 17.64 0.85 19.37
CA THR A 361 18.11 0.97 17.97
C THR A 361 19.13 2.10 17.95
N GLU A 362 20.36 1.79 17.60
CA GLU A 362 21.51 2.71 17.56
C GLU A 362 21.30 3.76 16.45
N VAL A 363 20.55 3.45 15.37
CA VAL A 363 20.48 4.36 14.18
C VAL A 363 19.39 5.43 14.31
N GLY A 364 18.63 5.50 15.41
CA GLY A 364 17.56 6.50 15.55
C GLY A 364 16.35 5.92 16.25
N CYS A 365 15.40 6.79 16.63
CA CYS A 365 14.16 6.41 17.36
C CYS A 365 12.93 7.15 16.84
N SER A 366 12.86 7.48 15.55
CA SER A 366 11.67 7.94 14.80
C SER A 366 10.48 7.03 15.06
N ASN A 367 10.70 5.70 15.03
CA ASN A 367 9.66 4.65 14.99
C ASN A 367 8.82 4.63 16.26
N ILE A 368 9.33 5.16 17.37
CA ILE A 368 8.55 5.24 18.61
C ILE A 368 7.58 6.42 18.57
N ALA A 369 7.65 7.31 17.56
CA ALA A 369 6.76 8.50 17.39
C ALA A 369 5.30 8.18 17.68
N TYR A 370 4.69 7.27 16.92
CA TYR A 370 3.24 6.96 17.08
C TYR A 370 2.98 6.25 18.41
N PRO A 371 3.61 5.09 18.76
CA PRO A 371 3.35 4.47 20.06
C PRO A 371 3.80 5.22 21.33
N ARG A 372 4.53 6.35 21.29
CA ARG A 372 4.75 7.22 22.47
C ARG A 372 3.56 8.12 22.70
N LEU A 373 2.95 8.64 21.63
CA LEU A 373 1.70 9.41 21.76
C LEU A 373 0.61 8.58 22.44
N VAL A 374 0.52 7.30 22.15
CA VAL A 374 -0.52 6.40 22.71
C VAL A 374 -0.19 6.24 24.22
N VAL A 375 1.05 5.96 24.57
CA VAL A 375 1.55 5.76 25.97
C VAL A 375 1.34 7.02 26.81
N LYS A 376 1.82 8.15 26.31
CA LYS A 376 1.89 9.40 27.10
C LYS A 376 0.53 10.08 27.09
N LEU A 377 -0.13 10.26 25.94
CA LEU A 377 -1.33 11.13 25.85
C LEU A 377 -2.68 10.44 26.12
N MET A 378 -2.82 9.12 25.98
CA MET A 378 -4.17 8.50 26.01
C MET A 378 -4.56 8.21 27.46
N PRO A 379 -5.82 8.49 27.88
CA PRO A 379 -6.28 8.18 29.24
C PRO A 379 -6.48 6.68 29.52
N ASN A 380 -7.11 6.35 30.66
CA ASN A 380 -7.32 4.95 31.14
C ASN A 380 -8.14 4.14 30.12
N GLY A 381 -9.19 4.72 29.54
CA GLY A 381 -10.14 3.99 28.67
C GLY A 381 -9.68 3.83 27.24
N LEU A 382 -9.07 4.87 26.65
CA LEU A 382 -8.76 4.94 25.19
C LEU A 382 -7.40 4.34 24.86
N ARG A 383 -6.52 4.00 25.80
CA ARG A 383 -5.27 3.26 25.47
C ARG A 383 -5.70 1.96 24.79
N GLY A 384 -6.67 1.26 25.38
CA GLY A 384 -7.35 0.07 24.84
C GLY A 384 -7.84 0.29 23.42
N LEU A 385 -8.55 1.39 23.15
CA LEU A 385 -9.04 1.72 21.79
C LEU A 385 -7.87 1.80 20.79
N MET A 386 -6.76 2.42 21.17
CA MET A 386 -5.56 2.58 20.28
C MET A 386 -4.85 1.25 20.10
N LEU A 387 -4.87 0.36 21.08
CA LEU A 387 -4.44 -1.05 20.89
C LEU A 387 -5.40 -1.72 19.88
N ALA A 388 -6.70 -1.52 20.00
CA ALA A 388 -7.71 -2.03 19.03
C ALA A 388 -7.48 -1.44 17.63
N VAL A 389 -7.06 -0.18 17.51
CA VAL A 389 -6.74 0.44 16.19
C VAL A 389 -5.57 -0.31 15.57
N MET A 390 -4.51 -0.57 16.31
CA MET A 390 -3.31 -1.21 15.75
C MET A 390 -3.64 -2.65 15.40
N LEU A 391 -4.46 -3.28 16.21
CA LEU A 391 -4.94 -4.65 15.93
C LEU A 391 -5.84 -4.67 14.68
N ALA A 392 -6.76 -3.72 14.55
CA ALA A 392 -7.65 -3.56 13.37
C ALA A 392 -6.83 -3.33 12.11
N ALA A 393 -5.82 -2.48 12.20
CA ALA A 393 -4.90 -2.16 11.10
C ALA A 393 -4.10 -3.43 10.73
N LEU A 394 -3.45 -4.04 11.71
CA LEU A 394 -2.62 -5.25 11.51
C LEU A 394 -3.46 -6.42 10.95
N MET A 395 -4.61 -6.71 11.53
CA MET A 395 -5.39 -7.92 11.17
C MET A 395 -5.98 -7.75 9.75
N SER A 396 -6.50 -6.59 9.41
CA SER A 396 -7.12 -6.36 8.09
C SER A 396 -6.07 -6.52 7.00
N SER A 397 -4.83 -6.09 7.22
CA SER A 397 -3.76 -6.09 6.18
C SER A 397 -3.24 -7.51 6.07
N LEU A 398 -2.91 -8.11 7.20
CA LEU A 398 -2.40 -9.50 7.23
C LEU A 398 -3.43 -10.45 6.63
N ALA A 399 -4.71 -10.31 6.95
CA ALA A 399 -5.76 -11.22 6.44
C ALA A 399 -5.94 -11.02 4.93
N SER A 400 -5.99 -9.79 4.47
CA SER A 400 -6.04 -9.50 3.01
C SER A 400 -4.82 -10.12 2.26
N ILE A 401 -3.63 -10.17 2.85
CA ILE A 401 -2.41 -10.65 2.15
C ILE A 401 -2.48 -12.17 2.08
N PHE A 402 -2.81 -12.79 3.18
CA PHE A 402 -3.01 -14.25 3.32
C PHE A 402 -4.10 -14.76 2.36
N ASN A 403 -5.23 -14.10 2.30
CA ASN A 403 -6.33 -14.50 1.41
C ASN A 403 -5.93 -14.35 -0.07
N SER A 404 -5.31 -13.24 -0.46
CA SER A 404 -4.89 -13.02 -1.86
C SER A 404 -3.79 -13.97 -2.27
N SER A 405 -2.84 -14.21 -1.38
CA SER A 405 -1.74 -15.15 -1.64
C SER A 405 -2.31 -16.56 -1.77
N SER A 406 -3.35 -16.87 -0.99
CA SER A 406 -4.08 -18.16 -1.01
C SER A 406 -4.70 -18.34 -2.38
N THR A 407 -5.33 -17.30 -2.90
CA THR A 407 -5.95 -17.28 -4.25
C THR A 407 -4.87 -17.44 -5.29
N LEU A 408 -3.79 -16.68 -5.20
CA LEU A 408 -2.69 -16.79 -6.19
C LEU A 408 -2.20 -18.22 -6.22
N PHE A 409 -1.86 -18.76 -5.07
CA PHE A 409 -1.21 -20.08 -5.00
C PHE A 409 -2.19 -21.12 -5.56
N THR A 410 -3.40 -21.16 -5.01
CA THR A 410 -4.45 -22.15 -5.38
C THR A 410 -4.71 -22.12 -6.89
N MET A 411 -5.19 -20.99 -7.38
CA MET A 411 -5.73 -20.84 -8.74
C MET A 411 -4.70 -20.65 -9.87
N ASP A 412 -3.49 -20.24 -9.56
CA ASP A 412 -2.34 -20.24 -10.51
C ASP A 412 -1.42 -21.47 -10.33
N ILE A 413 -0.87 -21.74 -9.14
CA ILE A 413 0.20 -22.78 -9.00
C ILE A 413 -0.42 -24.16 -8.83
N TYR A 414 -1.44 -24.32 -7.99
CA TYR A 414 -1.98 -25.66 -7.69
C TYR A 414 -2.79 -26.18 -8.86
N THR A 415 -3.42 -25.30 -9.65
CA THR A 415 -4.23 -25.77 -10.80
C THR A 415 -3.31 -26.13 -11.97
N ARG A 416 -2.03 -25.77 -11.92
CA ARG A 416 -0.97 -26.30 -12.80
C ARG A 416 -0.71 -27.78 -12.45
N LEU A 417 -0.37 -28.06 -11.20
CA LEU A 417 0.04 -29.41 -10.69
C LEU A 417 -1.16 -30.37 -10.68
N ARG A 418 -2.39 -29.83 -10.55
CA ARG A 418 -3.65 -30.60 -10.60
C ARG A 418 -4.70 -29.82 -11.38
N PRO A 419 -4.85 -30.01 -12.71
CA PRO A 419 -5.89 -29.33 -13.49
C PRO A 419 -7.35 -29.76 -13.18
N ARG A 420 -7.62 -31.05 -12.95
CA ARG A 420 -8.99 -31.60 -12.71
C ARG A 420 -9.21 -31.70 -11.19
N ALA A 421 -9.02 -30.58 -10.47
CA ALA A 421 -8.92 -30.52 -8.99
C ALA A 421 -10.33 -30.42 -8.40
N GLY A 422 -11.08 -29.37 -8.75
CA GLY A 422 -12.50 -29.24 -8.38
C GLY A 422 -12.69 -28.47 -7.10
N ASP A 423 -13.87 -27.90 -6.87
CA ASP A 423 -14.06 -26.70 -6.01
C ASP A 423 -14.04 -27.07 -4.51
N ARG A 424 -13.82 -28.33 -4.08
CA ARG A 424 -13.74 -28.74 -2.64
C ARG A 424 -12.28 -28.87 -2.21
N GLU A 425 -11.48 -29.56 -3.02
CA GLU A 425 -9.99 -29.64 -3.01
C GLU A 425 -9.34 -28.25 -3.09
N LEU A 426 -9.77 -27.40 -4.02
CA LEU A 426 -9.15 -26.06 -4.19
C LEU A 426 -9.38 -25.20 -2.93
N LEU A 427 -10.54 -25.30 -2.27
CA LEU A 427 -10.77 -24.56 -1.00
C LEU A 427 -9.90 -25.11 0.13
N LEU A 428 -9.64 -26.41 0.16
CA LEU A 428 -8.80 -27.05 1.21
C LEU A 428 -7.35 -26.62 1.00
N VAL A 429 -6.89 -26.64 -0.23
CA VAL A 429 -5.52 -26.16 -0.62
C VAL A 429 -5.42 -24.66 -0.33
N GLY A 430 -6.47 -23.89 -0.62
CA GLY A 430 -6.58 -22.48 -0.22
C GLY A 430 -6.36 -22.28 1.27
N ARG A 431 -7.05 -23.04 2.11
CA ARG A 431 -6.99 -22.89 3.59
C ARG A 431 -5.63 -23.37 4.14
N LEU A 432 -5.08 -24.45 3.63
CA LEU A 432 -3.73 -24.93 4.03
C LEU A 432 -2.63 -23.99 3.56
N TRP A 433 -2.80 -23.21 2.49
CA TRP A 433 -1.74 -22.25 2.05
C TRP A 433 -1.66 -21.15 3.11
N VAL A 434 -2.78 -20.71 3.69
CA VAL A 434 -2.80 -19.66 4.75
C VAL A 434 -1.95 -20.14 5.94
N VAL A 435 -2.07 -21.42 6.30
CA VAL A 435 -1.25 -22.01 7.40
C VAL A 435 0.23 -21.94 7.00
N PHE A 436 0.56 -22.27 5.77
CA PHE A 436 1.97 -22.35 5.33
C PHE A 436 2.55 -20.94 5.27
N ILE A 437 1.83 -19.94 4.74
CA ILE A 437 2.37 -18.55 4.61
C ILE A 437 2.51 -17.93 6.03
N VAL A 438 1.70 -18.34 7.01
CA VAL A 438 1.88 -17.94 8.43
C VAL A 438 3.20 -18.51 8.96
N VAL A 439 3.45 -19.79 8.75
CA VAL A 439 4.72 -20.46 9.17
C VAL A 439 5.93 -19.82 8.47
N VAL A 440 5.84 -19.54 7.16
CA VAL A 440 6.90 -18.80 6.41
C VAL A 440 7.17 -17.46 7.10
N SER A 441 6.14 -16.75 7.57
CA SER A 441 6.29 -15.37 8.12
C SER A 441 6.89 -15.47 9.52
N VAL A 442 6.55 -16.48 10.31
CA VAL A 442 7.25 -16.78 11.61
C VAL A 442 8.75 -17.04 11.35
N ALA A 443 9.09 -17.85 10.34
CA ALA A 443 10.48 -18.06 9.87
C ALA A 443 11.19 -16.77 9.49
N TRP A 444 10.46 -15.84 8.85
CA TRP A 444 10.96 -14.57 8.29
C TRP A 444 11.06 -13.45 9.35
N LEU A 445 10.41 -13.59 10.51
CA LEU A 445 10.34 -12.52 11.56
C LEU A 445 11.75 -12.09 12.01
N PRO A 446 12.73 -12.97 12.35
CA PRO A 446 14.09 -12.53 12.69
C PRO A 446 14.87 -11.71 11.65
N VAL A 447 14.66 -11.98 10.38
CA VAL A 447 15.32 -11.27 9.24
C VAL A 447 14.72 -9.85 9.16
N VAL A 448 13.40 -9.70 9.36
CA VAL A 448 12.76 -8.35 9.35
C VAL A 448 13.16 -7.60 10.63
N GLN A 449 13.34 -8.29 11.78
CA GLN A 449 13.83 -7.64 13.04
C GLN A 449 15.31 -7.24 12.92
N ALA A 450 16.06 -7.78 11.95
CA ALA A 450 17.41 -7.28 11.59
C ALA A 450 17.38 -5.85 11.04
N ALA A 451 16.26 -5.38 10.49
CA ALA A 451 16.13 -3.96 10.03
C ALA A 451 16.08 -3.09 11.28
N GLN A 452 16.92 -2.08 11.29
CA GLN A 452 17.30 -1.29 12.48
C GLN A 452 16.66 0.05 12.22
N GLY A 453 15.56 0.37 12.89
CA GLY A 453 14.91 1.69 12.85
C GLY A 453 14.06 1.88 11.62
N GLY A 454 14.01 3.11 11.11
CA GLY A 454 13.17 3.51 9.99
C GLY A 454 13.75 3.18 8.64
N GLN A 455 14.94 2.56 8.59
CA GLN A 455 15.55 1.85 7.43
C GLN A 455 14.54 0.95 6.71
N LEU A 456 13.77 0.15 7.48
CA LEU A 456 12.84 -0.85 6.91
C LEU A 456 11.82 -0.22 5.95
N PHE A 457 11.24 0.91 6.31
CA PHE A 457 10.25 1.60 5.46
C PHE A 457 10.93 2.19 4.21
N ASP A 458 12.22 2.51 4.25
CA ASP A 458 12.99 2.81 3.03
C ASP A 458 13.21 1.54 2.23
N TYR A 459 13.52 0.39 2.85
CA TYR A 459 13.81 -0.88 2.15
C TYR A 459 12.56 -1.35 1.40
N ILE A 460 11.41 -1.32 2.06
CA ILE A 460 10.14 -1.77 1.44
C ILE A 460 9.82 -0.89 0.22
N GLN A 461 9.92 0.42 0.35
CA GLN A 461 9.64 1.31 -0.79
C GLN A 461 10.72 1.18 -1.86
N ALA A 462 11.96 0.86 -1.51
CA ALA A 462 13.04 0.59 -2.47
C ALA A 462 12.77 -0.70 -3.24
N VAL A 463 12.46 -1.79 -2.54
CA VAL A 463 12.11 -3.11 -3.15
C VAL A 463 10.85 -2.96 -4.01
N SER A 464 9.82 -2.27 -3.54
CA SER A 464 8.63 -1.93 -4.38
C SER A 464 9.10 -1.15 -5.62
N SER A 465 10.02 -0.22 -5.52
CA SER A 465 10.50 0.57 -6.69
C SER A 465 11.42 -0.24 -7.59
N TYR A 466 12.01 -1.36 -7.18
CA TYR A 466 12.92 -2.15 -8.05
C TYR A 466 12.18 -3.35 -8.62
N LEU A 467 11.15 -3.89 -7.96
CA LEU A 467 10.44 -5.08 -8.50
C LEU A 467 9.11 -4.71 -9.18
N ALA A 468 8.41 -3.68 -8.76
CA ALA A 468 7.06 -3.38 -9.25
C ALA A 468 7.04 -2.71 -10.62
N PRO A 469 7.91 -1.75 -10.98
CA PRO A 469 7.78 -1.05 -12.27
C PRO A 469 7.79 -1.90 -13.55
N PRO A 470 8.55 -3.00 -13.68
CA PRO A 470 8.37 -3.89 -14.83
C PRO A 470 6.97 -4.52 -14.91
N VAL A 471 6.35 -4.79 -13.78
CA VAL A 471 4.98 -5.35 -13.71
C VAL A 471 4.02 -4.21 -14.12
N SER A 472 4.13 -3.03 -13.53
CA SER A 472 3.38 -1.82 -13.95
C SER A 472 3.46 -1.62 -15.47
N ALA A 473 4.64 -1.78 -16.03
CA ALA A 473 4.94 -1.63 -17.47
C ALA A 473 4.17 -2.69 -18.26
N VAL A 474 4.10 -3.94 -17.83
CA VAL A 474 3.50 -5.05 -18.64
C VAL A 474 1.98 -4.91 -18.57
N PHE A 475 1.41 -4.66 -17.39
CA PHE A 475 -0.04 -4.38 -17.22
C PHE A 475 -0.53 -3.20 -18.05
N VAL A 476 0.17 -2.07 -18.09
CA VAL A 476 -0.19 -0.89 -18.94
C VAL A 476 -0.11 -1.27 -20.44
N LEU A 477 0.95 -1.97 -20.86
CA LEU A 477 1.08 -2.48 -22.24
C LEU A 477 0.11 -3.62 -22.57
N ALA A 478 -0.33 -4.39 -21.57
CA ALA A 478 -1.29 -5.50 -21.74
C ALA A 478 -2.66 -4.91 -22.01
N LEU A 479 -2.94 -3.71 -21.50
CA LEU A 479 -4.29 -3.13 -21.37
C LEU A 479 -4.52 -2.12 -22.48
N PHE A 480 -3.48 -1.41 -22.94
CA PHE A 480 -3.58 -0.24 -23.86
C PHE A 480 -2.86 -0.48 -25.19
N VAL A 481 -1.99 -1.48 -25.32
CA VAL A 481 -1.17 -1.69 -26.56
C VAL A 481 -1.41 -3.13 -27.00
N PRO A 482 -2.49 -3.42 -27.79
CA PRO A 482 -2.72 -4.74 -28.37
C PRO A 482 -1.65 -5.39 -29.23
N ARG A 483 -0.66 -4.64 -29.72
CA ARG A 483 0.46 -5.26 -30.47
C ARG A 483 1.37 -6.09 -29.55
N VAL A 484 1.46 -5.77 -28.25
CA VAL A 484 2.40 -6.43 -27.30
C VAL A 484 1.97 -7.88 -27.14
N ASN A 485 2.89 -8.83 -27.33
CA ASN A 485 2.61 -10.27 -27.40
C ASN A 485 3.34 -10.96 -26.26
N GLU A 486 3.34 -12.30 -26.24
CA GLU A 486 3.77 -13.09 -25.06
C GLU A 486 5.28 -13.02 -24.92
N GLN A 487 6.03 -13.22 -26.00
CA GLN A 487 7.50 -13.08 -26.00
C GLN A 487 7.88 -11.70 -25.45
N GLY A 488 7.24 -10.65 -25.91
CA GLY A 488 7.53 -9.29 -25.45
C GLY A 488 7.26 -9.13 -23.99
N ALA A 489 6.05 -9.48 -23.58
CA ALA A 489 5.60 -9.35 -22.18
C ALA A 489 6.51 -10.20 -21.27
N PHE A 490 6.87 -11.42 -21.63
CA PHE A 490 7.70 -12.28 -20.74
C PHE A 490 9.14 -11.76 -20.63
N TRP A 491 9.78 -11.51 -21.77
CA TRP A 491 11.16 -10.98 -21.85
C TRP A 491 11.21 -9.55 -21.31
N GLY A 492 10.12 -8.82 -21.27
CA GLY A 492 10.12 -7.54 -20.56
C GLY A 492 10.14 -7.70 -19.06
N LEU A 493 9.34 -8.60 -18.49
CA LEU A 493 9.35 -8.96 -17.04
C LEU A 493 10.72 -9.47 -16.59
N ILE A 494 11.38 -10.35 -17.36
CA ILE A 494 12.69 -10.94 -16.98
C ILE A 494 13.80 -9.89 -17.16
N GLY A 495 13.79 -9.10 -18.23
CA GLY A 495 14.71 -7.97 -18.38
C GLY A 495 14.55 -7.03 -17.22
N GLY A 496 13.28 -6.70 -16.89
CA GLY A 496 12.88 -5.88 -15.75
C GLY A 496 13.52 -6.37 -14.46
N LEU A 497 13.35 -7.64 -14.07
CA LEU A 497 13.98 -8.18 -12.84
C LEU A 497 15.51 -8.07 -12.96
N LEU A 498 16.13 -8.37 -14.10
CA LEU A 498 17.61 -8.24 -14.17
C LEU A 498 17.99 -6.80 -13.79
N MET A 499 17.27 -5.77 -14.20
CA MET A 499 17.72 -4.36 -13.97
C MET A 499 17.43 -4.00 -12.51
N GLY A 500 16.24 -4.36 -12.03
CA GLY A 500 15.81 -4.21 -10.63
C GLY A 500 16.85 -4.83 -9.72
N LEU A 501 17.32 -6.03 -10.04
CA LEU A 501 18.22 -6.80 -9.17
C LEU A 501 19.58 -6.12 -9.23
N ALA A 502 20.04 -5.57 -10.34
CA ALA A 502 21.27 -4.75 -10.27
C ALA A 502 21.08 -3.77 -9.10
N ARG A 503 20.13 -2.85 -9.13
CA ARG A 503 20.03 -1.98 -7.93
C ARG A 503 19.91 -2.83 -6.65
N LEU A 504 18.86 -3.61 -6.49
CA LEU A 504 18.56 -4.22 -5.15
C LEU A 504 19.80 -4.92 -4.60
N ILE A 505 20.47 -5.75 -5.36
CA ILE A 505 21.58 -6.55 -4.82
C ILE A 505 22.68 -5.59 -4.37
N PRO A 506 23.49 -4.95 -5.21
CA PRO A 506 24.50 -4.02 -4.74
C PRO A 506 24.10 -3.11 -3.59
N GLU A 507 22.88 -2.61 -3.58
CA GLU A 507 22.44 -1.84 -2.42
C GLU A 507 22.57 -2.71 -1.21
N PHE A 508 21.66 -3.67 -1.06
CA PHE A 508 21.52 -4.34 0.24
C PHE A 508 22.91 -4.77 0.67
N SER A 509 23.80 -5.09 -0.29
CA SER A 509 25.23 -5.30 0.02
C SER A 509 25.76 -4.20 0.92
N PHE A 510 25.73 -2.94 0.48
CA PHE A 510 26.39 -1.80 1.18
C PHE A 510 25.62 -1.37 2.45
N GLY A 511 24.44 -1.91 2.76
CA GLY A 511 23.63 -1.46 3.89
C GLY A 511 23.08 -0.05 3.68
N SER A 512 22.51 0.54 4.73
CA SER A 512 21.99 1.94 4.79
C SER A 512 22.79 2.80 5.75
N GLY A 513 23.07 2.30 6.97
CA GLY A 513 23.59 3.10 8.09
C GLY A 513 22.59 4.17 8.50
N SER A 514 23.05 5.40 8.73
CA SER A 514 22.21 6.58 9.10
C SER A 514 22.78 7.86 8.50
N CYS A 515 22.31 9.02 8.98
CA CYS A 515 22.88 10.33 8.57
C CYS A 515 24.12 10.56 9.44
N VAL A 516 24.11 10.01 10.65
CA VAL A 516 25.23 10.08 11.63
C VAL A 516 26.39 9.21 11.10
N GLN A 517 26.10 7.97 10.70
CA GLN A 517 27.04 6.99 10.11
C GLN A 517 26.59 6.69 8.67
N PRO A 518 27.01 7.50 7.65
CA PRO A 518 26.67 7.22 6.25
C PRO A 518 27.34 5.93 5.74
N SER A 519 26.61 5.18 4.91
CA SER A 519 27.09 3.94 4.24
C SER A 519 28.22 4.26 3.26
N ALA A 520 29.05 3.25 2.98
CA ALA A 520 30.13 3.28 1.97
C ALA A 520 29.61 2.96 0.56
N CYS A 521 28.29 2.95 0.32
CA CYS A 521 27.71 2.66 -1.01
C CYS A 521 28.17 3.69 -2.01
N PRO A 522 28.51 3.30 -3.25
CA PRO A 522 28.99 4.24 -4.26
C PRO A 522 27.89 5.19 -4.67
N ALA A 523 28.21 6.47 -4.73
CA ALA A 523 27.24 7.49 -5.18
C ALA A 523 26.41 6.94 -6.34
N PHE A 524 27.06 6.35 -7.33
CA PHE A 524 26.35 5.98 -8.58
C PHE A 524 25.18 5.15 -8.11
N LEU A 525 25.48 4.00 -7.54
CA LEU A 525 24.40 3.02 -7.39
C LEU A 525 23.31 3.77 -6.65
N CYS A 526 23.57 4.67 -5.72
CA CYS A 526 22.38 5.07 -4.92
C CYS A 526 22.26 6.57 -4.62
N GLY A 527 22.86 7.45 -5.41
CA GLY A 527 22.68 8.88 -5.17
C GLY A 527 21.32 9.12 -5.68
N VAL A 528 21.03 8.37 -6.74
CA VAL A 528 19.74 8.38 -7.46
C VAL A 528 18.66 7.82 -6.51
N HIS A 529 17.56 8.57 -6.29
CA HIS A 529 16.45 8.17 -5.41
C HIS A 529 15.83 6.89 -5.99
N TYR A 530 15.41 5.96 -5.15
CA TYR A 530 14.78 4.69 -5.59
C TYR A 530 13.51 4.96 -6.43
N LEU A 531 12.77 6.04 -6.21
CA LEU A 531 11.56 6.36 -7.02
C LEU A 531 11.96 6.95 -8.35
N TYR A 532 13.20 7.42 -8.49
CA TYR A 532 13.68 7.86 -9.82
C TYR A 532 14.05 6.62 -10.61
N PHE A 533 14.66 5.64 -9.92
CA PHE A 533 15.01 4.34 -10.52
C PHE A 533 13.74 3.64 -10.96
N ALA A 534 12.63 3.82 -10.23
CA ALA A 534 11.30 3.32 -10.65
C ALA A 534 10.95 3.85 -12.05
N ILE A 535 11.14 5.13 -12.33
CA ILE A 535 10.76 5.78 -13.62
C ILE A 535 11.66 5.21 -14.73
N VAL A 536 12.96 5.19 -14.52
CA VAL A 536 13.94 4.60 -15.49
C VAL A 536 13.54 3.15 -15.80
N LEU A 537 13.30 2.38 -14.74
CA LEU A 537 13.06 0.93 -14.86
C LEU A 537 11.75 0.65 -15.60
N PHE A 538 10.73 1.45 -15.34
CA PHE A 538 9.42 1.35 -16.02
C PHE A 538 9.61 1.56 -17.51
N PHE A 539 10.25 2.66 -17.93
CA PHE A 539 10.44 2.97 -19.37
C PHE A 539 11.39 1.95 -20.01
N CYS A 540 12.41 1.45 -19.33
CA CYS A 540 13.31 0.40 -19.88
C CYS A 540 12.60 -0.94 -20.05
N SER A 541 11.80 -1.38 -19.08
CA SER A 541 10.99 -2.64 -19.18
C SER A 541 9.94 -2.49 -20.28
N GLY A 542 9.26 -1.33 -20.32
CA GLY A 542 8.25 -1.02 -21.33
C GLY A 542 8.86 -1.02 -22.71
N LEU A 543 9.98 -0.33 -22.87
CA LEU A 543 10.74 -0.28 -24.15
C LEU A 543 11.16 -1.69 -24.56
N LEU A 544 11.64 -2.54 -23.65
CA LEU A 544 12.14 -3.92 -23.97
C LEU A 544 10.97 -4.80 -24.41
N THR A 545 9.84 -4.70 -23.72
CA THR A 545 8.56 -5.39 -24.01
C THR A 545 8.08 -4.98 -25.40
N LEU A 546 8.01 -3.67 -25.69
CA LEU A 546 7.56 -3.15 -27.02
C LEU A 546 8.50 -3.61 -28.12
N THR A 547 9.81 -3.58 -27.87
CA THR A 547 10.82 -3.91 -28.90
C THR A 547 10.76 -5.41 -29.22
N VAL A 548 10.73 -6.28 -28.21
CA VAL A 548 10.66 -7.74 -28.43
C VAL A 548 9.28 -8.10 -28.99
N SER A 549 8.23 -7.36 -28.62
CA SER A 549 6.87 -7.55 -29.20
C SER A 549 6.92 -7.25 -30.70
N LEU A 550 7.47 -6.09 -31.06
CA LEU A 550 7.47 -5.62 -32.48
C LEU A 550 8.40 -6.47 -33.35
N CYS A 551 9.40 -7.17 -32.77
CA CYS A 551 10.30 -8.08 -33.51
C CYS A 551 9.57 -9.39 -33.81
N THR A 552 8.84 -9.96 -32.83
CA THR A 552 8.18 -11.30 -32.89
C THR A 552 6.76 -11.18 -33.50
N ALA A 553 6.17 -12.29 -33.95
CA ALA A 553 4.86 -12.36 -34.65
C ALA A 553 3.71 -11.94 -33.73
N PRO A 554 2.73 -11.11 -34.18
CA PRO A 554 1.69 -10.56 -33.30
C PRO A 554 0.54 -11.52 -32.89
N ILE A 555 -0.30 -11.06 -31.95
CA ILE A 555 -1.59 -11.69 -31.54
C ILE A 555 -2.72 -10.97 -32.29
N PRO A 556 -3.56 -11.66 -33.12
CA PRO A 556 -4.69 -11.01 -33.80
C PRO A 556 -5.91 -10.71 -32.90
N ARG A 557 -6.89 -9.96 -33.45
CA ARG A 557 -8.08 -9.39 -32.74
C ARG A 557 -9.03 -10.48 -32.21
N LYS A 558 -9.16 -11.63 -32.91
CA LYS A 558 -10.03 -12.77 -32.49
C LYS A 558 -9.57 -13.38 -31.14
N HIS A 559 -8.30 -13.20 -30.77
CA HIS A 559 -7.72 -13.61 -29.46
C HIS A 559 -7.93 -12.55 -28.36
N LEU A 560 -8.46 -11.33 -28.64
CA LEU A 560 -8.29 -10.12 -27.76
C LEU A 560 -9.61 -9.46 -27.35
N HIS A 561 -10.77 -10.03 -27.65
CA HIS A 561 -12.07 -9.41 -27.27
C HIS A 561 -12.20 -9.41 -25.75
N ARG A 562 -12.56 -8.27 -25.17
CA ARG A 562 -12.83 -8.08 -23.73
C ARG A 562 -11.57 -8.32 -22.86
N LEU A 563 -10.36 -8.18 -23.39
CA LEU A 563 -9.06 -8.34 -22.66
C LEU A 563 -8.19 -7.09 -22.72
N VAL A 564 -8.65 -6.06 -23.39
CA VAL A 564 -7.89 -4.85 -23.75
C VAL A 564 -8.88 -3.72 -23.54
N PHE A 565 -8.37 -2.55 -23.24
CA PHE A 565 -9.23 -1.40 -22.93
C PHE A 565 -10.08 -1.03 -24.15
N SER A 566 -9.53 -1.04 -25.37
CA SER A 566 -10.26 -0.87 -26.66
C SER A 566 -11.55 -1.73 -26.75
N LEU A 567 -11.46 -3.02 -26.41
CA LEU A 567 -12.45 -4.09 -26.75
C LEU A 567 -13.22 -4.57 -25.52
N ARG A 568 -13.25 -3.81 -24.41
CA ARG A 568 -14.05 -4.18 -23.20
C ARG A 568 -15.57 -4.16 -23.54
N HIS A 569 -16.00 -3.45 -24.59
CA HIS A 569 -17.39 -3.47 -25.13
C HIS A 569 -17.40 -4.09 -26.53
N SER A 570 -17.46 -5.42 -26.63
CA SER A 570 -17.20 -6.19 -27.88
C SER A 570 -18.44 -7.00 -28.31
N LYS A 571 -18.89 -7.92 -27.45
CA LYS A 571 -19.97 -8.93 -27.68
C LYS A 571 -19.56 -9.96 -28.75
N GLU A 572 -18.33 -9.95 -29.30
CA GLU A 572 -17.86 -10.84 -30.39
C GLU A 572 -17.24 -12.10 -29.77
N GLU A 573 -17.15 -13.18 -30.56
CA GLU A 573 -16.67 -14.51 -30.09
C GLU A 573 -15.13 -14.45 -30.00
N ARG A 574 -14.60 -14.36 -28.78
CA ARG A 574 -13.15 -14.46 -28.48
C ARG A 574 -12.72 -15.91 -28.74
N GLU A 575 -11.49 -16.12 -29.21
CA GLU A 575 -10.78 -17.42 -29.29
C GLU A 575 -9.72 -17.40 -28.18
N ASP A 576 -9.83 -18.30 -27.19
CA ASP A 576 -8.96 -18.31 -25.99
C ASP A 576 -7.59 -18.85 -26.39
N LEU A 577 -6.53 -18.06 -26.16
CA LEU A 577 -5.10 -18.49 -26.23
C LEU A 577 -4.84 -19.61 -25.21
N LEU A 644 -21.50 -11.33 -16.07
CA LEU A 644 -20.17 -10.74 -15.71
C LEU A 644 -19.50 -10.08 -16.94
N GLU A 645 -19.66 -10.62 -18.15
CA GLU A 645 -19.08 -10.09 -19.42
C GLU A 645 -19.59 -8.66 -19.70
N ASP A 646 -20.84 -8.35 -19.35
CA ASP A 646 -21.51 -7.04 -19.56
C ASP A 646 -21.16 -6.09 -18.40
N ILE A 647 -20.44 -5.00 -18.70
CA ILE A 647 -20.01 -3.93 -17.74
C ILE A 647 -20.71 -2.60 -18.06
N SER A 648 -21.82 -2.59 -18.81
CA SER A 648 -22.65 -1.37 -19.04
C SER A 648 -23.45 -1.11 -17.77
N GLU A 649 -23.34 0.09 -17.19
CA GLU A 649 -24.06 0.48 -15.94
C GLU A 649 -25.19 1.49 -16.25
N ASP A 650 -26.10 1.66 -15.28
CA ASP A 650 -27.27 2.58 -15.34
C ASP A 650 -26.72 3.97 -15.66
N PRO A 651 -27.21 4.68 -16.72
CA PRO A 651 -26.72 6.02 -17.06
C PRO A 651 -26.63 7.01 -15.89
N SER A 652 -27.64 6.97 -15.01
CA SER A 652 -27.82 7.92 -13.90
C SER A 652 -26.71 7.68 -12.89
N TRP A 653 -26.54 6.43 -12.44
CA TRP A 653 -25.52 6.08 -11.42
C TRP A 653 -24.11 6.21 -12.01
N ALA A 654 -23.93 5.91 -13.29
CA ALA A 654 -22.67 6.25 -14.01
C ALA A 654 -22.41 7.74 -13.80
N ARG A 655 -23.39 8.59 -14.07
CA ARG A 655 -23.23 10.06 -14.07
C ARG A 655 -22.79 10.47 -12.67
N VAL A 656 -23.42 9.91 -11.64
CA VAL A 656 -23.14 10.21 -10.19
C VAL A 656 -21.68 9.91 -9.88
N VAL A 657 -21.22 8.67 -10.09
CA VAL A 657 -19.83 8.26 -9.73
C VAL A 657 -18.82 8.99 -10.61
N ASN A 658 -19.16 9.38 -11.83
CA ASN A 658 -18.19 10.09 -12.70
C ASN A 658 -17.96 11.49 -12.16
N LEU A 659 -19.01 12.16 -11.70
CA LEU A 659 -18.91 13.51 -11.08
C LEU A 659 -18.18 13.40 -9.76
N ASN A 660 -18.42 12.35 -8.99
CA ASN A 660 -17.74 12.19 -7.68
C ASN A 660 -16.25 11.88 -7.84
N ALA A 661 -15.82 11.22 -8.92
CA ALA A 661 -14.38 11.00 -9.22
C ALA A 661 -13.72 12.35 -9.47
N LEU A 662 -14.38 13.24 -10.24
CA LEU A 662 -13.86 14.59 -10.57
C LEU A 662 -13.83 15.46 -9.30
N LEU A 663 -14.82 15.36 -8.43
CA LEU A 663 -14.84 16.17 -7.18
C LEU A 663 -13.73 15.67 -6.25
N MET A 664 -13.55 14.36 -6.14
CA MET A 664 -12.49 13.73 -5.31
C MET A 664 -11.11 14.09 -5.89
N MET A 665 -10.96 14.26 -7.20
CA MET A 665 -9.67 14.70 -7.79
C MET A 665 -9.48 16.19 -7.52
N ALA A 666 -10.52 17.01 -7.55
CA ALA A 666 -10.38 18.46 -7.23
C ALA A 666 -9.88 18.59 -5.79
N VAL A 667 -10.44 17.82 -4.86
CA VAL A 667 -10.08 17.90 -3.42
C VAL A 667 -8.65 17.43 -3.23
N ALA A 668 -8.28 16.30 -3.82
CA ALA A 668 -6.88 15.84 -3.95
C ALA A 668 -5.98 17.01 -4.36
N VAL A 669 -6.24 17.60 -5.52
CA VAL A 669 -5.35 18.58 -6.18
C VAL A 669 -5.23 19.84 -5.30
N PHE A 670 -6.34 20.27 -4.71
CA PHE A 670 -6.34 21.39 -3.75
C PHE A 670 -5.36 21.09 -2.63
N LEU A 671 -5.44 19.89 -2.04
CA LEU A 671 -4.61 19.50 -0.86
C LEU A 671 -3.15 19.36 -1.29
N TRP A 672 -2.86 18.83 -2.46
CA TRP A 672 -1.47 18.83 -2.98
C TRP A 672 -0.95 20.27 -3.17
N GLY A 673 -1.79 21.21 -3.59
CA GLY A 673 -1.38 22.61 -3.74
C GLY A 673 -1.11 23.25 -2.40
N PHE A 674 -2.01 23.02 -1.44
CA PHE A 674 -1.95 23.58 -0.07
C PHE A 674 -0.60 23.26 0.59
N TYR A 675 -0.17 22.00 0.54
CA TYR A 675 1.09 21.52 1.17
C TYR A 675 2.25 21.42 0.15
N ALA A 676 2.11 21.88 -1.10
CA ALA A 676 3.24 21.95 -2.05
C ALA A 676 4.22 23.04 -1.59
N GLN B 28 0.96 32.06 0.12
CA GLN B 28 -0.28 31.64 0.87
C GLN B 28 -0.61 30.20 0.47
N PRO B 29 -0.82 29.21 1.38
CA PRO B 29 -1.29 27.88 1.00
C PRO B 29 -2.62 27.77 0.24
N TRP B 30 -3.60 28.61 0.60
CA TRP B 30 -4.98 28.61 0.05
C TRP B 30 -4.91 29.01 -1.42
N MET B 31 -4.10 30.02 -1.80
CA MET B 31 -3.96 30.43 -3.23
C MET B 31 -3.34 29.27 -4.00
N GLN B 32 -2.34 28.57 -3.44
CA GLN B 32 -1.68 27.43 -4.16
C GLN B 32 -2.72 26.33 -4.39
N GLY B 33 -3.53 26.01 -3.39
CA GLY B 33 -4.66 25.08 -3.51
C GLY B 33 -5.62 25.46 -4.63
N LEU B 34 -6.14 26.69 -4.64
CA LEU B 34 -7.11 27.19 -5.66
C LEU B 34 -6.47 27.21 -7.05
N ILE B 35 -5.23 27.68 -7.19
CA ILE B 35 -4.48 27.68 -8.48
C ILE B 35 -4.31 26.23 -8.98
N ALA B 36 -4.01 25.28 -8.10
CA ALA B 36 -3.79 23.86 -8.45
C ALA B 36 -5.10 23.30 -9.02
N VAL B 37 -6.21 23.52 -8.32
CA VAL B 37 -7.59 23.13 -8.75
C VAL B 37 -7.91 23.78 -10.09
N ALA B 38 -7.65 25.08 -10.26
CA ALA B 38 -7.93 25.83 -11.51
C ALA B 38 -7.19 25.16 -12.69
N VAL B 39 -5.90 24.89 -12.55
CA VAL B 39 -5.08 24.17 -13.58
C VAL B 39 -5.65 22.76 -13.86
N PHE B 40 -6.12 22.06 -12.83
CA PHE B 40 -6.73 20.70 -12.95
C PHE B 40 -8.04 20.79 -13.73
N LEU B 41 -8.88 21.79 -13.44
CA LEU B 41 -10.17 21.99 -14.16
C LEU B 41 -9.90 22.40 -15.62
N VAL B 42 -8.81 23.10 -15.90
CA VAL B 42 -8.38 23.40 -17.30
C VAL B 42 -8.03 22.09 -17.99
N LEU B 43 -7.21 21.23 -17.37
CA LEU B 43 -6.80 19.92 -17.96
C LEU B 43 -8.01 19.02 -18.21
N VAL B 44 -9.01 18.97 -17.30
CA VAL B 44 -10.17 18.06 -17.46
C VAL B 44 -11.09 18.64 -18.56
N ALA B 45 -11.24 19.96 -18.65
CA ALA B 45 -11.95 20.64 -19.76
C ALA B 45 -11.28 20.30 -21.11
N ILE B 46 -9.95 20.33 -21.18
CA ILE B 46 -9.14 19.89 -22.36
C ILE B 46 -9.44 18.41 -22.66
N ALA B 47 -9.52 17.55 -21.64
CA ALA B 47 -9.73 16.08 -21.82
C ALA B 47 -11.12 15.83 -22.43
N PHE B 48 -12.14 16.55 -21.98
CA PHE B 48 -13.51 16.47 -22.56
C PHE B 48 -13.49 17.04 -23.99
N ALA B 49 -12.76 18.13 -24.25
CA ALA B 49 -12.61 18.70 -25.62
C ALA B 49 -11.97 17.65 -26.54
N VAL B 50 -10.82 17.07 -26.15
CA VAL B 50 -10.00 16.23 -27.07
C VAL B 50 -10.79 14.96 -27.41
N ASN B 51 -11.40 14.26 -26.43
CA ASN B 51 -12.15 13.00 -26.71
C ASN B 51 -13.45 13.30 -27.49
N HIS B 52 -14.11 14.45 -27.23
CA HIS B 52 -15.36 14.87 -27.95
C HIS B 52 -15.08 15.13 -29.44
N PHE B 53 -13.97 15.76 -29.80
CA PHE B 53 -13.61 16.10 -31.20
C PHE B 53 -12.74 15.00 -31.87
N TRP B 54 -11.99 14.16 -31.14
CA TRP B 54 -10.96 13.22 -31.72
C TRP B 54 -11.27 11.73 -31.46
N CYS B 55 -12.34 11.35 -30.74
CA CYS B 55 -12.84 9.93 -30.67
C CYS B 55 -14.11 9.76 -31.53
N GLN B 56 -15.06 10.71 -31.49
CA GLN B 56 -16.22 10.79 -32.42
C GLN B 56 -15.79 11.57 -33.67
#